data_4J9Q
#
_entry.id   4J9Q
#
_cell.length_a   98.390
_cell.length_b   98.390
_cell.length_c   81.770
_cell.angle_alpha   90.000
_cell.angle_beta   90.000
_cell.angle_gamma   120.000
#
_symmetry.space_group_name_H-M   'P 61'
#
loop_
_entity.id
_entity.type
_entity.pdbx_description
1 polymer 'DNA polymerase eta'
2 polymer "DNA (5'-D(*TP*C*AP*TP*TP*AP*TP*GP*AP*CP*GP*CP*T)-3')"
3 polymer "DNA (5'-D(*TP*AP*GP*CP*GP*TP*CP*AP*TP*G)-3')"
4 non-polymer GLYCEROL
5 non-polymer 'MAGNESIUM ION'
6 water water
#
loop_
_entity_poly.entity_id
_entity_poly.type
_entity_poly.pdbx_seq_one_letter_code
_entity_poly.pdbx_strand_id
1 'polypeptide(L)'
;GPHMATGQDRVVALVDMDCFFVQVEQRQNPHLRNKPCAVVQYKSWKGGGIIAVSYEARAFGVTRSMWADDAKKLCPDLLL
AQVRESRGKANLTKYREASVEVMEIMSRFAVIERASIDEAYVDLTSAVQERLQKLQGQPISADLLPSTYIEGLPQGPTTA
EETVQKEGMRKQGLFQWLDSLQIDNLTSPDLQLTVGAVIVEEMRAAIERETGFQCSAGISHNKVLAKLACGLNKPNRQTL
VSHGSVPQLFSQMPIRKIRSLGGKLGASVIEILGIEYMGELTQFTESQLQSHFGEKNGSWLYAMCRGIEHDPVKPRQLPK
TIGCSKNFPGKTALATREQVQWWLLQLAQELEERLTKDRNDNDRVATQLVVSIRVQGDKRLSSLRRCCALTRYDAHKMSH
DAFTVIKNCNTSGIQTEWSPPLTMLFLCATKFSAS
;
A
2 'polydeoxyribonucleotide' (DT)(DC)(DA)(DT)(DT)(DA)(DT)(DG)(DA)(DC)(DG)(DC)(DT) T
3 'polydeoxyribonucleotide' (DT)(DA)(DG)(DC)(DG)(DT)(DC)(DA)(DT)(DG) P
#
loop_
_chem_comp.id
_chem_comp.type
_chem_comp.name
_chem_comp.formula
DA DNA linking 2'-DEOXYADENOSINE-5'-MONOPHOSPHATE 'C10 H14 N5 O6 P'
DC DNA linking 2'-DEOXYCYTIDINE-5'-MONOPHOSPHATE 'C9 H14 N3 O7 P'
DG DNA linking 2'-DEOXYGUANOSINE-5'-MONOPHOSPHATE 'C10 H14 N5 O7 P'
DT DNA linking THYMIDINE-5'-MONOPHOSPHATE 'C10 H15 N2 O8 P'
GOL non-polymer GLYCEROL 'C3 H8 O3'
MG non-polymer 'MAGNESIUM ION' 'Mg 2'
#
# COMPACT_ATOMS: atom_id res chain seq x y z
N THR A 6 14.99 16.22 -15.77
CA THR A 6 13.64 16.66 -15.47
C THR A 6 12.82 15.55 -14.81
N GLY A 7 13.51 14.48 -14.39
CA GLY A 7 12.86 13.35 -13.76
C GLY A 7 11.87 12.66 -14.68
N GLN A 8 12.28 12.50 -15.94
CA GLN A 8 11.44 11.90 -16.98
C GLN A 8 12.15 10.69 -17.54
N ASP A 9 13.13 10.20 -16.81
CA ASP A 9 13.92 9.04 -17.20
C ASP A 9 13.16 7.71 -17.17
N ARG A 10 12.21 7.55 -16.26
CA ARG A 10 11.58 6.25 -16.08
C ARG A 10 10.08 6.28 -16.31
N VAL A 11 9.50 5.11 -16.55
CA VAL A 11 8.05 4.98 -16.50
C VAL A 11 7.75 4.05 -15.30
N VAL A 12 6.99 4.57 -14.34
CA VAL A 12 6.72 3.84 -13.09
C VAL A 12 5.23 3.83 -12.82
N ALA A 13 4.70 2.68 -12.41
CA ALA A 13 3.29 2.55 -12.06
C ALA A 13 3.10 2.13 -10.60
N LEU A 14 1.99 2.53 -10.00
CA LEU A 14 1.58 1.98 -8.71
C LEU A 14 0.20 1.36 -8.93
N VAL A 15 0.10 0.06 -8.70
CA VAL A 15 -1.15 -0.63 -8.87
C VAL A 15 -1.70 -0.89 -7.48
N ASP A 16 -2.95 -0.52 -7.26
CA ASP A 16 -3.58 -0.70 -5.97
C ASP A 16 -4.92 -1.45 -6.13
N MET A 17 -5.03 -2.61 -5.49
CA MET A 17 -6.26 -3.38 -5.51
C MET A 17 -7.34 -2.59 -4.77
N ASP A 18 -8.47 -2.36 -5.42
CA ASP A 18 -9.56 -1.60 -4.79
C ASP A 18 -10.16 -2.38 -3.62
N CYS A 19 -10.27 -1.72 -2.46
CA CYS A 19 -10.78 -2.34 -1.21
C CYS A 19 -10.52 -3.86 -1.10
N PHE A 20 -9.24 -4.20 -1.09
CA PHE A 20 -8.80 -5.56 -1.37
C PHE A 20 -9.46 -6.69 -0.57
N PHE A 21 -9.42 -6.61 0.76
CA PHE A 21 -10.03 -7.66 1.58
C PHE A 21 -11.53 -7.84 1.27
N VAL A 22 -12.22 -6.73 0.99
CA VAL A 22 -13.60 -6.81 0.55
C VAL A 22 -13.75 -7.60 -0.76
N GLN A 23 -12.92 -7.29 -1.76
CA GLN A 23 -12.98 -8.05 -3.01
C GLN A 23 -12.69 -9.52 -2.79
N VAL A 24 -11.79 -9.82 -1.86
CA VAL A 24 -11.50 -11.23 -1.60
C VAL A 24 -12.76 -11.93 -1.06
N GLU A 25 -13.43 -11.30 -0.10
CA GLU A 25 -14.66 -11.90 0.45
C GLU A 25 -15.81 -11.93 -0.57
N GLN A 26 -15.86 -10.90 -1.43
CA GLN A 26 -16.90 -10.85 -2.47
C GLN A 26 -16.71 -11.89 -3.57
N ARG A 27 -15.47 -12.22 -3.89
CA ARG A 27 -15.24 -13.22 -4.92
C ARG A 27 -15.71 -14.55 -4.33
N GLN A 28 -15.38 -14.78 -3.06
CA GLN A 28 -15.73 -16.03 -2.39
C GLN A 28 -17.25 -16.21 -2.10
N ASN A 29 -17.92 -15.11 -1.76
CA ASN A 29 -19.36 -15.09 -1.46
C ASN A 29 -20.06 -14.10 -2.35
N PRO A 30 -20.54 -14.58 -3.50
CA PRO A 30 -21.21 -13.74 -4.50
C PRO A 30 -22.41 -12.92 -3.94
N HIS A 31 -23.01 -13.32 -2.82
CA HIS A 31 -24.05 -12.48 -2.22
C HIS A 31 -23.56 -11.10 -1.76
N LEU A 32 -22.26 -10.94 -1.56
CA LEU A 32 -21.69 -9.66 -1.14
C LEU A 32 -21.37 -8.72 -2.28
N ARG A 33 -21.32 -9.25 -3.51
CA ARG A 33 -20.91 -8.46 -4.67
C ARG A 33 -21.85 -7.32 -4.95
N ASN A 34 -21.28 -6.18 -5.37
CA ASN A 34 -22.04 -4.94 -5.64
C ASN A 34 -23.00 -4.50 -4.54
N LYS A 35 -22.63 -4.72 -3.29
CA LYS A 35 -23.46 -4.30 -2.18
C LYS A 35 -22.57 -3.51 -1.21
N PRO A 36 -23.17 -2.65 -0.36
CA PRO A 36 -22.35 -2.04 0.68
C PRO A 36 -21.88 -3.14 1.61
N CYS A 37 -20.57 -3.26 1.73
N CYS A 37 -20.57 -3.27 1.75
CA CYS A 37 -19.93 -4.39 2.42
CA CYS A 37 -20.07 -4.26 2.65
C CYS A 37 -18.67 -3.89 3.13
C CYS A 37 -18.71 -3.87 3.17
N ALA A 38 -18.35 -4.48 4.29
CA ALA A 38 -17.08 -4.18 4.95
C ALA A 38 -16.47 -5.44 5.49
N VAL A 39 -15.17 -5.43 5.69
CA VAL A 39 -14.55 -6.54 6.39
C VAL A 39 -14.16 -6.06 7.80
N VAL A 40 -14.48 -6.88 8.81
CA VAL A 40 -14.18 -6.57 10.20
C VAL A 40 -13.29 -7.66 10.84
N GLN A 41 -12.66 -7.34 11.96
N GLN A 41 -12.53 -7.25 11.83
CA GLN A 41 -12.09 -8.40 12.80
CA GLN A 41 -11.73 -8.17 12.63
C GLN A 41 -12.57 -8.31 14.26
C GLN A 41 -12.45 -8.35 13.94
N TYR A 42 -12.74 -9.47 14.89
N TYR A 42 -12.65 -9.62 14.32
CA TYR A 42 -13.21 -9.57 16.29
CA TYR A 42 -13.39 -9.99 15.52
C TYR A 42 -14.59 -8.96 16.55
C TYR A 42 -14.88 -9.58 15.41
N LYS A 43 -15.63 -9.79 16.48
CA LYS A 43 -17.03 -9.34 16.53
C LYS A 43 -17.48 -8.85 17.90
N SER A 44 -16.82 -9.34 18.94
CA SER A 44 -17.34 -9.16 20.28
C SER A 44 -17.35 -7.70 20.71
N TRP A 45 -16.28 -6.97 20.43
CA TRP A 45 -16.23 -5.59 20.87
C TRP A 45 -16.83 -4.66 19.82
N LYS A 46 -18.01 -4.13 20.12
CA LYS A 46 -18.69 -3.16 19.28
C LYS A 46 -18.97 -3.66 17.86
N GLY A 47 -19.08 -4.98 17.72
CA GLY A 47 -19.39 -5.59 16.44
C GLY A 47 -18.19 -5.83 15.56
N GLY A 48 -17.00 -5.43 16.01
CA GLY A 48 -15.79 -5.60 15.22
C GLY A 48 -15.21 -4.32 14.67
N GLY A 49 -13.88 -4.27 14.52
CA GLY A 49 -13.25 -3.10 13.93
C GLY A 49 -13.16 -3.24 12.42
N ILE A 50 -13.71 -2.28 11.69
CA ILE A 50 -13.67 -2.35 10.23
C ILE A 50 -12.26 -2.08 9.70
N ILE A 51 -11.78 -2.97 8.83
CA ILE A 51 -10.49 -2.73 8.17
C ILE A 51 -10.55 -2.59 6.64
N ALA A 52 -11.72 -2.78 6.03
CA ALA A 52 -11.89 -2.54 4.59
C ALA A 52 -13.36 -2.34 4.22
N VAL A 53 -13.61 -1.41 3.29
CA VAL A 53 -14.96 -0.93 3.02
C VAL A 53 -15.21 -0.84 1.51
N SER A 54 -16.27 -1.47 1.01
CA SER A 54 -16.62 -1.37 -0.40
C SER A 54 -16.98 0.07 -0.75
N TYR A 55 -16.85 0.44 -2.02
CA TYR A 55 -17.19 1.79 -2.45
C TYR A 55 -18.66 2.11 -2.21
N GLU A 56 -19.52 1.10 -2.34
CA GLU A 56 -20.94 1.25 -2.03
C GLU A 56 -21.15 1.65 -0.58
N ALA A 57 -20.41 1.03 0.34
CA ALA A 57 -20.52 1.35 1.75
C ALA A 57 -19.87 2.71 2.09
N ARG A 58 -18.77 3.03 1.40
CA ARG A 58 -18.11 4.32 1.58
C ARG A 58 -19.05 5.50 1.28
N ALA A 59 -19.96 5.32 0.33
CA ALA A 59 -20.89 6.38 -0.01
C ALA A 59 -21.73 6.80 1.21
N PHE A 60 -21.95 5.87 2.13
CA PHE A 60 -22.71 6.17 3.36
C PHE A 60 -21.84 6.75 4.46
N GLY A 61 -20.56 6.98 4.17
CA GLY A 61 -19.61 7.45 5.17
C GLY A 61 -18.98 6.35 6.02
N VAL A 62 -19.16 5.09 5.64
CA VAL A 62 -18.47 4.02 6.38
C VAL A 62 -16.97 4.11 6.09
N THR A 63 -16.16 4.05 7.14
CA THR A 63 -14.70 4.07 7.00
C THR A 63 -13.99 2.98 7.78
N ARG A 64 -12.73 2.76 7.47
CA ARG A 64 -11.88 1.87 8.26
C ARG A 64 -11.56 2.49 9.62
N SER A 65 -11.29 1.63 10.59
CA SER A 65 -11.08 2.01 12.00
C SER A 65 -12.37 2.44 12.70
N MET A 66 -13.51 2.15 12.08
CA MET A 66 -14.82 2.42 12.66
C MET A 66 -15.31 1.11 13.26
N TRP A 67 -16.02 1.16 14.39
CA TRP A 67 -16.66 -0.03 14.94
C TRP A 67 -17.84 -0.43 14.07
N ALA A 68 -18.07 -1.73 13.90
CA ALA A 68 -19.15 -2.17 13.01
C ALA A 68 -20.53 -1.74 13.52
N ASP A 69 -20.76 -1.75 14.83
CA ASP A 69 -22.03 -1.23 15.37
C ASP A 69 -22.28 0.22 14.93
N ASP A 70 -21.22 1.02 14.88
CA ASP A 70 -21.37 2.41 14.47
C ASP A 70 -21.59 2.49 12.98
N ALA A 71 -20.83 1.69 12.23
CA ALA A 71 -20.98 1.65 10.79
C ALA A 71 -22.41 1.26 10.39
N LYS A 72 -23.00 0.34 11.15
CA LYS A 72 -24.38 -0.06 10.93
C LYS A 72 -25.42 1.08 11.14
N LYS A 73 -25.07 2.05 11.95
CA LYS A 73 -25.94 3.21 12.18
C LYS A 73 -25.97 4.11 10.94
N LEU A 74 -24.79 4.29 10.34
CA LEU A 74 -24.66 5.09 9.11
C LEU A 74 -25.21 4.36 7.90
N CYS A 75 -25.20 3.04 7.96
CA CYS A 75 -25.55 2.22 6.80
C CYS A 75 -26.24 0.93 7.24
N PRO A 76 -27.56 1.00 7.46
CA PRO A 76 -28.40 -0.05 8.04
C PRO A 76 -28.31 -1.39 7.30
N ASP A 77 -28.16 -1.36 5.98
CA ASP A 77 -28.06 -2.60 5.20
C ASP A 77 -26.62 -3.07 4.93
N LEU A 78 -25.65 -2.48 5.63
CA LEU A 78 -24.25 -2.88 5.48
C LEU A 78 -24.10 -4.40 5.70
N LEU A 79 -23.43 -5.06 4.78
CA LEU A 79 -23.09 -6.48 4.95
C LEU A 79 -21.65 -6.58 5.47
N LEU A 80 -21.40 -7.56 6.32
CA LEU A 80 -20.09 -7.68 6.95
C LEU A 80 -19.50 -9.06 6.66
N ALA A 81 -18.20 -9.12 6.42
CA ALA A 81 -17.49 -10.40 6.39
C ALA A 81 -16.41 -10.30 7.45
N GLN A 82 -16.22 -11.40 8.18
CA GLN A 82 -15.32 -11.40 9.32
C GLN A 82 -14.01 -12.06 8.94
N VAL A 83 -12.91 -11.45 9.37
CA VAL A 83 -11.61 -12.04 9.18
C VAL A 83 -11.55 -13.37 9.94
N ARG A 84 -11.02 -14.41 9.31
CA ARG A 84 -10.80 -15.70 9.98
C ARG A 84 -10.09 -15.52 11.32
N GLU A 85 -10.43 -16.33 12.30
CA GLU A 85 -9.74 -16.30 13.57
C GLU A 85 -9.16 -17.68 13.86
N SER A 86 -7.88 -17.72 14.22
CA SER A 86 -7.21 -18.98 14.53
C SER A 86 -6.28 -18.81 15.72
N ARG A 87 -6.33 -19.76 16.66
CA ARG A 87 -5.58 -19.68 17.90
C ARG A 87 -5.75 -18.36 18.65
N GLY A 88 -6.98 -17.85 18.68
CA GLY A 88 -7.27 -16.65 19.44
C GLY A 88 -6.93 -15.33 18.78
N LYS A 89 -6.48 -15.35 17.52
CA LYS A 89 -6.08 -14.12 16.85
C LYS A 89 -6.55 -14.09 15.39
N ALA A 90 -6.53 -12.90 14.80
CA ALA A 90 -6.88 -12.77 13.39
C ALA A 90 -5.93 -13.63 12.57
N ASN A 91 -6.46 -14.27 11.53
CA ASN A 91 -5.65 -15.03 10.57
C ASN A 91 -5.83 -14.46 9.15
N LEU A 92 -4.78 -13.84 8.62
CA LEU A 92 -4.89 -13.11 7.34
C LEU A 92 -4.42 -13.95 6.14
N THR A 93 -4.25 -15.25 6.35
CA THR A 93 -3.82 -16.15 5.29
C THR A 93 -4.58 -16.03 3.95
N LYS A 94 -5.90 -16.00 3.99
CA LYS A 94 -6.72 -15.90 2.77
C LYS A 94 -6.36 -14.68 1.87
N TYR A 95 -6.04 -13.57 2.52
CA TYR A 95 -5.70 -12.33 1.83
C TYR A 95 -4.25 -12.34 1.36
N ARG A 96 -3.36 -12.92 2.18
CA ARG A 96 -1.98 -13.17 1.74
C ARG A 96 -1.93 -14.04 0.48
N GLU A 97 -2.74 -15.10 0.44
CA GLU A 97 -2.80 -15.98 -0.72
C GLU A 97 -3.42 -15.27 -1.91
N ALA A 98 -4.45 -14.48 -1.68
CA ALA A 98 -5.06 -13.73 -2.77
C ALA A 98 -4.05 -12.75 -3.36
N SER A 99 -3.32 -12.07 -2.47
CA SER A 99 -2.29 -11.11 -2.87
C SER A 99 -1.18 -11.76 -3.72
N VAL A 100 -0.78 -12.98 -3.36
CA VAL A 100 0.18 -13.72 -4.18
C VAL A 100 -0.31 -13.97 -5.61
N GLU A 101 -1.59 -14.32 -5.77
CA GLU A 101 -2.16 -14.51 -7.13
C GLU A 101 -1.97 -13.26 -7.99
N VAL A 102 -2.16 -12.09 -7.40
CA VAL A 102 -2.11 -10.85 -8.15
C VAL A 102 -0.67 -10.51 -8.53
N MET A 103 0.23 -10.66 -7.55
CA MET A 103 1.65 -10.31 -7.73
C MET A 103 2.28 -11.14 -8.82
N GLU A 104 1.91 -12.42 -8.87
CA GLU A 104 2.51 -13.34 -9.84
C GLU A 104 2.09 -12.98 -11.25
N ILE A 105 0.84 -12.53 -11.41
CA ILE A 105 0.38 -11.98 -12.71
C ILE A 105 1.16 -10.73 -13.12
N MET A 106 1.23 -9.75 -12.23
CA MET A 106 1.96 -8.53 -12.49
C MET A 106 3.41 -8.78 -12.87
N SER A 107 4.03 -9.71 -12.15
CA SER A 107 5.41 -10.08 -12.41
C SER A 107 5.66 -10.59 -13.84
N ARG A 108 4.59 -10.93 -14.57
CA ARG A 108 4.77 -11.36 -15.97
C ARG A 108 5.09 -10.20 -16.91
N PHE A 109 4.66 -9.00 -16.55
CA PHE A 109 4.74 -7.85 -17.45
C PHE A 109 6.02 -7.06 -17.19
N ALA A 110 6.42 -6.98 -15.93
CA ALA A 110 7.50 -6.08 -15.56
C ALA A 110 8.11 -6.34 -14.20
N VAL A 111 9.12 -5.56 -13.85
CA VAL A 111 9.78 -5.63 -12.56
C VAL A 111 8.89 -5.05 -11.46
N ILE A 112 8.62 -5.83 -10.42
CA ILE A 112 7.62 -5.42 -9.44
C ILE A 112 8.25 -5.22 -8.05
N GLU A 113 7.80 -4.17 -7.35
CA GLU A 113 8.12 -3.98 -5.94
C GLU A 113 6.87 -4.09 -5.07
N ARG A 114 6.77 -5.17 -4.30
CA ARG A 114 5.66 -5.32 -3.37
C ARG A 114 5.69 -4.22 -2.32
N ALA A 115 4.64 -3.42 -2.30
CA ALA A 115 4.58 -2.29 -1.38
C ALA A 115 3.81 -2.68 -0.15
N SER A 116 2.71 -3.40 -0.33
CA SER A 116 1.95 -3.89 0.82
C SER A 116 1.15 -5.07 0.34
N ILE A 117 0.27 -5.57 1.20
CA ILE A 117 -0.52 -6.71 0.80
C ILE A 117 -1.32 -6.44 -0.49
N ASP A 118 -1.71 -5.18 -0.73
CA ASP A 118 -2.62 -4.87 -1.83
C ASP A 118 -2.06 -3.91 -2.86
N GLU A 119 -0.80 -3.51 -2.71
CA GLU A 119 -0.19 -2.67 -3.73
C GLU A 119 1.25 -3.01 -4.11
N ALA A 120 1.58 -2.73 -5.36
CA ALA A 120 2.92 -2.93 -5.87
C ALA A 120 3.29 -1.84 -6.85
N TYR A 121 4.54 -1.40 -6.77
CA TYR A 121 5.13 -0.55 -7.80
C TYR A 121 5.68 -1.40 -8.93
N VAL A 122 5.64 -0.81 -10.13
CA VAL A 122 5.99 -1.48 -11.36
C VAL A 122 6.93 -0.56 -12.13
N ASP A 123 8.11 -1.06 -12.47
CA ASP A 123 9.01 -0.32 -13.32
C ASP A 123 8.81 -0.77 -14.78
N LEU A 124 8.20 0.09 -15.60
CA LEU A 124 7.84 -0.26 -16.99
C LEU A 124 8.81 0.31 -18.02
N THR A 125 9.89 0.91 -17.54
CA THR A 125 10.84 1.58 -18.43
C THR A 125 11.32 0.67 -19.55
N SER A 126 11.70 -0.57 -19.22
CA SER A 126 12.14 -1.52 -20.25
C SER A 126 11.00 -2.02 -21.11
N ALA A 127 9.91 -2.41 -20.47
CA ALA A 127 8.73 -2.89 -21.18
C ALA A 127 8.24 -1.85 -22.18
N VAL A 128 8.29 -0.58 -21.80
CA VAL A 128 7.88 0.49 -22.72
C VAL A 128 8.77 0.53 -23.95
N GLN A 129 10.08 0.54 -23.74
CA GLN A 129 11.04 0.57 -24.83
C GLN A 129 10.83 -0.58 -25.81
N GLU A 130 10.62 -1.78 -25.27
CA GLU A 130 10.31 -2.94 -26.11
C GLU A 130 9.07 -2.71 -26.96
N ARG A 131 8.00 -2.23 -26.33
CA ARG A 131 6.76 -2.00 -27.05
C ARG A 131 6.91 -0.94 -28.15
N LEU A 132 7.61 0.16 -27.86
CA LEU A 132 7.82 1.22 -28.85
C LEU A 132 8.51 0.77 -30.15
N GLN A 133 9.64 0.07 -30.04
CA GLN A 133 10.36 -0.39 -31.24
C GLN A 133 9.55 -1.48 -31.94
N LYS A 134 8.83 -2.26 -31.15
CA LYS A 134 7.94 -3.32 -31.66
C LYS A 134 6.77 -2.70 -32.42
N LEU A 135 6.31 -1.56 -31.92
CA LEU A 135 5.12 -0.89 -32.40
C LEU A 135 5.55 0.39 -33.10
N GLN A 136 6.77 0.40 -33.62
CA GLN A 136 7.31 1.62 -34.21
C GLN A 136 6.45 2.10 -35.37
N GLY A 137 6.17 3.40 -35.37
CA GLY A 137 5.39 4.03 -36.42
C GLY A 137 3.89 3.83 -36.26
N GLN A 138 3.50 3.22 -35.15
CA GLN A 138 2.08 2.94 -34.92
C GLN A 138 1.42 3.97 -33.98
N PRO A 139 0.32 4.57 -34.44
CA PRO A 139 -0.43 5.53 -33.62
C PRO A 139 -1.19 4.79 -32.52
N ILE A 140 -1.39 5.47 -31.40
CA ILE A 140 -2.08 4.87 -30.26
C ILE A 140 -3.52 5.30 -30.28
N SER A 141 -4.42 4.33 -30.35
N SER A 141 -4.43 4.34 -30.38
CA SER A 141 -5.86 4.57 -30.40
CA SER A 141 -5.86 4.64 -30.43
C SER A 141 -6.42 4.77 -29.01
C SER A 141 -6.45 4.74 -29.04
N ALA A 142 -7.49 5.56 -28.90
CA ALA A 142 -8.20 5.70 -27.65
C ALA A 142 -8.69 4.34 -27.12
N ASP A 143 -8.93 3.40 -28.04
CA ASP A 143 -9.43 2.06 -27.68
C ASP A 143 -8.41 1.27 -26.85
N LEU A 144 -7.14 1.64 -26.91
CA LEU A 144 -6.13 0.97 -26.10
C LEU A 144 -6.11 1.44 -24.64
N LEU A 145 -6.83 2.53 -24.37
CA LEU A 145 -6.87 3.15 -23.05
C LEU A 145 -8.30 3.39 -22.59
N PRO A 146 -9.10 2.29 -22.47
CA PRO A 146 -10.52 2.42 -22.12
C PRO A 146 -10.78 2.90 -20.70
N SER A 147 -9.80 2.81 -19.79
CA SER A 147 -10.06 3.21 -18.39
C SER A 147 -9.09 4.27 -17.83
N THR A 148 -8.39 4.94 -18.74
CA THR A 148 -7.30 5.85 -18.43
C THR A 148 -7.76 7.31 -18.35
N TYR A 149 -7.44 8.00 -17.25
CA TYR A 149 -7.64 9.45 -17.15
C TYR A 149 -6.31 10.15 -17.41
N ILE A 150 -6.36 11.26 -18.13
CA ILE A 150 -5.16 12.09 -18.25
C ILE A 150 -5.28 13.27 -17.28
N GLU A 151 -4.49 13.28 -16.22
CA GLU A 151 -4.61 14.36 -15.23
C GLU A 151 -4.34 15.74 -15.84
N GLY A 152 -5.25 16.68 -15.57
CA GLY A 152 -5.17 18.05 -16.06
C GLY A 152 -5.92 18.34 -17.35
N LEU A 153 -6.44 17.29 -17.99
CA LEU A 153 -7.19 17.39 -19.23
C LEU A 153 -8.62 16.85 -18.98
N PRO A 154 -9.62 17.34 -19.74
CA PRO A 154 -9.47 18.28 -20.86
C PRO A 154 -9.34 19.71 -20.35
N GLN A 155 -8.83 20.61 -21.17
CA GLN A 155 -8.79 22.01 -20.80
C GLN A 155 -9.20 22.82 -22.02
N GLY A 156 -9.50 24.10 -21.80
CA GLY A 156 -9.67 25.00 -22.92
C GLY A 156 -11.08 25.44 -23.23
N PRO A 157 -11.20 26.58 -23.95
CA PRO A 157 -12.48 27.21 -24.31
C PRO A 157 -13.35 26.30 -25.16
N GLU A 161 -20.68 19.40 -24.35
CA GLU A 161 -21.97 18.86 -23.89
C GLU A 161 -21.81 17.56 -23.12
N GLU A 162 -20.92 16.69 -23.57
CA GLU A 162 -20.70 15.39 -22.93
C GLU A 162 -19.89 15.53 -21.64
N THR A 163 -19.29 16.70 -21.46
CA THR A 163 -18.44 16.96 -20.28
C THR A 163 -19.22 16.97 -18.97
N VAL A 164 -20.55 17.05 -19.04
CA VAL A 164 -21.38 16.99 -17.84
C VAL A 164 -21.32 15.60 -17.19
N GLN A 165 -21.03 14.57 -18.00
CA GLN A 165 -20.89 13.20 -17.51
C GLN A 165 -19.40 12.86 -17.34
N LYS A 166 -19.05 12.09 -16.31
CA LYS A 166 -17.63 11.85 -16.04
C LYS A 166 -16.92 11.02 -17.10
N GLU A 167 -17.64 10.13 -17.78
CA GLU A 167 -17.04 9.36 -18.86
C GLU A 167 -16.74 10.27 -20.05
N GLY A 168 -17.61 11.27 -20.21
CA GLY A 168 -17.44 12.29 -21.23
C GLY A 168 -16.16 13.07 -20.99
N MET A 169 -16.00 13.59 -19.76
CA MET A 169 -14.76 14.27 -19.36
C MET A 169 -13.57 13.37 -19.68
N ARG A 170 -13.66 12.10 -19.32
CA ARG A 170 -12.51 11.19 -19.46
C ARG A 170 -12.06 11.10 -20.90
N LYS A 171 -13.02 10.85 -21.79
CA LYS A 171 -12.75 10.69 -23.21
C LYS A 171 -12.24 11.98 -23.85
N GLN A 172 -12.87 13.10 -23.53
CA GLN A 172 -12.44 14.37 -24.10
C GLN A 172 -11.00 14.64 -23.73
N GLY A 173 -10.64 14.34 -22.48
CA GLY A 173 -9.26 14.56 -22.03
C GLY A 173 -8.28 13.63 -22.71
N LEU A 174 -8.68 12.37 -22.82
CA LEU A 174 -7.89 11.38 -23.55
C LEU A 174 -7.68 11.79 -25.01
N PHE A 175 -8.74 12.28 -25.67
CA PHE A 175 -8.63 12.66 -27.07
C PHE A 175 -7.68 13.84 -27.26
N GLN A 176 -7.81 14.87 -26.42
CA GLN A 176 -6.90 16.02 -26.46
C GLN A 176 -5.46 15.54 -26.33
N TRP A 177 -5.22 14.64 -25.38
CA TRP A 177 -3.88 14.11 -25.11
C TRP A 177 -3.29 13.38 -26.30
N LEU A 178 -4.04 12.39 -26.78
CA LEU A 178 -3.67 11.58 -27.94
C LEU A 178 -3.47 12.42 -29.20
N ASP A 179 -4.36 13.37 -29.43
CA ASP A 179 -4.23 14.24 -30.62
C ASP A 179 -2.93 15.03 -30.56
N SER A 180 -2.56 15.50 -29.37
CA SER A 180 -1.29 16.20 -29.18
C SER A 180 -0.06 15.33 -29.43
N LEU A 181 -0.19 14.09 -28.96
N LEU A 181 -0.19 14.07 -29.03
CA LEU A 181 0.86 13.10 -29.15
CA LEU A 181 0.95 13.20 -29.01
C LEU A 181 1.09 12.79 -30.62
C LEU A 181 1.45 13.05 -30.42
N GLN A 182 -0.02 12.55 -31.32
N GLN A 182 2.74 13.27 -30.60
CA GLN A 182 0.00 12.24 -32.73
CA GLN A 182 3.38 12.97 -31.87
C GLN A 182 0.59 13.39 -33.54
C GLN A 182 4.25 11.73 -31.68
N ILE A 183 0.29 14.63 -33.16
N ILE A 183 3.94 10.70 -32.45
CA ILE A 183 0.83 15.74 -33.94
CA ILE A 183 4.56 9.39 -32.28
C ILE A 183 2.24 16.15 -33.54
C ILE A 183 5.86 9.28 -33.07
N ASP A 184 2.80 15.50 -32.52
N ASP A 184 6.21 10.36 -33.74
CA ASP A 184 4.20 15.77 -32.22
CA ASP A 184 7.41 10.41 -34.56
C ASP A 184 4.32 16.95 -31.27
C ASP A 184 8.64 10.18 -33.69
N ASN A 185 3.17 17.41 -30.80
N ASN A 185 8.65 10.72 -32.48
CA ASN A 185 3.07 18.41 -29.74
CA ASN A 185 9.82 10.57 -31.62
C ASN A 185 3.57 17.97 -28.35
C ASN A 185 9.65 9.53 -30.52
N LEU A 186 3.37 16.70 -28.02
N LEU A 186 10.50 8.52 -30.57
CA LEU A 186 3.79 16.17 -26.72
CA LEU A 186 10.60 7.47 -29.56
C LEU A 186 5.08 15.34 -26.81
C LEU A 186 11.04 7.99 -28.19
N THR A 187 5.88 15.43 -25.74
N THR A 187 11.92 8.98 -28.20
CA THR A 187 7.25 14.94 -25.69
CA THR A 187 12.46 9.60 -26.98
C THR A 187 7.43 13.43 -25.66
C THR A 187 11.47 10.33 -26.07
N SER A 188 8.67 13.01 -25.89
N SER A 188 10.47 11.00 -26.60
CA SER A 188 9.06 11.61 -25.86
CA SER A 188 9.64 11.85 -25.74
C SER A 188 8.84 10.96 -24.50
C SER A 188 9.04 11.07 -24.58
N PRO A 189 9.13 11.69 -23.42
CA PRO A 189 8.63 11.21 -22.13
C PRO A 189 7.11 11.05 -22.06
N ASP A 190 6.36 11.95 -22.69
CA ASP A 190 4.90 11.82 -22.72
C ASP A 190 4.46 10.60 -23.51
N LEU A 191 5.16 10.30 -24.60
CA LEU A 191 4.88 9.09 -25.36
C LEU A 191 5.17 7.84 -24.51
N GLN A 192 6.30 7.84 -23.81
CA GLN A 192 6.69 6.72 -22.99
C GLN A 192 5.65 6.44 -21.91
N LEU A 193 5.16 7.51 -21.27
CA LEU A 193 4.09 7.37 -20.29
C LEU A 193 2.85 6.78 -20.90
N THR A 194 2.56 7.13 -22.15
CA THR A 194 1.33 6.71 -22.79
C THR A 194 1.37 5.20 -23.08
N VAL A 195 2.49 4.75 -23.62
CA VAL A 195 2.73 3.36 -23.88
C VAL A 195 2.74 2.62 -22.55
N GLY A 196 3.36 3.22 -21.54
CA GLY A 196 3.23 2.75 -20.16
C GLY A 196 1.80 2.53 -19.69
N ALA A 197 0.92 3.50 -19.90
CA ALA A 197 -0.50 3.33 -19.55
C ALA A 197 -1.19 2.21 -20.35
N VAL A 198 -0.81 2.07 -21.62
CA VAL A 198 -1.34 0.97 -22.44
C VAL A 198 -0.95 -0.38 -21.79
N ILE A 199 0.32 -0.53 -21.42
CA ILE A 199 0.75 -1.74 -20.72
C ILE A 199 -0.01 -1.96 -19.39
N VAL A 200 -0.25 -0.88 -18.65
CA VAL A 200 -0.96 -1.02 -17.38
C VAL A 200 -2.41 -1.43 -17.62
N GLU A 201 -3.02 -0.95 -18.71
CA GLU A 201 -4.36 -1.41 -19.06
C GLU A 201 -4.39 -2.94 -19.26
N GLU A 202 -3.38 -3.43 -19.98
CA GLU A 202 -3.21 -4.85 -20.23
C GLU A 202 -2.96 -5.65 -18.95
N MET A 203 -2.06 -5.16 -18.11
CA MET A 203 -1.80 -5.75 -16.81
C MET A 203 -3.09 -5.80 -15.98
N ARG A 204 -3.83 -4.69 -15.93
CA ARG A 204 -5.05 -4.67 -15.11
C ARG A 204 -6.13 -5.56 -15.73
N ALA A 205 -6.13 -5.75 -17.05
CA ALA A 205 -7.12 -6.64 -17.65
C ALA A 205 -6.80 -8.09 -17.31
N ALA A 206 -5.51 -8.42 -17.37
CA ALA A 206 -5.04 -9.73 -17.02
C ALA A 206 -5.34 -10.05 -15.55
N ILE A 207 -5.15 -9.08 -14.64
CA ILE A 207 -5.45 -9.29 -13.22
C ILE A 207 -6.93 -9.60 -13.04
N GLU A 208 -7.79 -8.80 -13.68
CA GLU A 208 -9.23 -9.01 -13.53
C GLU A 208 -9.68 -10.34 -14.15
N ARG A 209 -9.17 -10.63 -15.35
CA ARG A 209 -9.52 -11.87 -16.03
C ARG A 209 -9.14 -13.10 -15.22
N GLU A 210 -7.91 -13.11 -14.72
CA GLU A 210 -7.35 -14.27 -14.03
C GLU A 210 -7.60 -14.37 -12.51
N THR A 211 -8.13 -13.33 -11.88
CA THR A 211 -8.42 -13.40 -10.44
C THR A 211 -9.83 -12.95 -10.12
N GLY A 212 -10.44 -12.18 -11.02
CA GLY A 212 -11.71 -11.56 -10.70
C GLY A 212 -11.57 -10.20 -10.03
N PHE A 213 -10.35 -9.82 -9.66
CA PHE A 213 -10.11 -8.61 -8.88
C PHE A 213 -9.95 -7.37 -9.75
N GLN A 214 -10.55 -6.27 -9.33
CA GLN A 214 -10.38 -4.97 -9.96
C GLN A 214 -9.35 -4.15 -9.17
N CYS A 215 -8.68 -3.24 -9.86
CA CYS A 215 -7.72 -2.36 -9.20
C CYS A 215 -7.63 -1.05 -9.93
N SER A 216 -7.06 -0.08 -9.22
CA SER A 216 -6.74 1.22 -9.79
C SER A 216 -5.22 1.31 -9.99
N ALA A 217 -4.78 2.26 -10.80
CA ALA A 217 -3.35 2.45 -11.01
C ALA A 217 -3.01 3.88 -11.28
N GLY A 218 -1.77 4.25 -10.98
CA GLY A 218 -1.25 5.54 -11.38
C GLY A 218 -0.04 5.28 -12.24
N ILE A 219 0.15 6.08 -13.28
CA ILE A 219 1.32 5.94 -14.15
C ILE A 219 2.01 7.30 -14.20
N SER A 220 3.30 7.34 -13.87
CA SER A 220 4.04 8.59 -13.99
C SER A 220 5.54 8.30 -14.14
N HIS A 221 6.40 9.24 -13.77
CA HIS A 221 7.83 9.01 -13.92
C HIS A 221 8.56 8.59 -12.64
N ASN A 222 7.83 8.49 -11.54
CA ASN A 222 8.43 8.04 -10.30
C ASN A 222 7.37 7.49 -9.34
N LYS A 223 7.81 6.90 -8.24
CA LYS A 223 6.89 6.24 -7.30
C LYS A 223 5.92 7.20 -6.61
N VAL A 224 6.41 8.38 -6.20
CA VAL A 224 5.54 9.32 -5.50
C VAL A 224 4.42 9.83 -6.41
N LEU A 225 4.77 10.24 -7.62
CA LEU A 225 3.73 10.71 -8.55
C LEU A 225 2.78 9.59 -8.97
N ALA A 226 3.32 8.39 -9.17
CA ALA A 226 2.46 7.26 -9.56
C ALA A 226 1.47 6.93 -8.45
N LYS A 227 1.92 7.04 -7.20
CA LYS A 227 1.07 6.72 -6.06
C LYS A 227 -0.01 7.79 -5.87
N LEU A 228 0.37 9.05 -6.02
CA LEU A 228 -0.60 10.15 -6.02
C LEU A 228 -1.62 9.99 -7.15
N ALA A 229 -1.11 9.70 -8.35
CA ALA A 229 -1.96 9.53 -9.52
C ALA A 229 -3.01 8.45 -9.30
N CYS A 230 -2.57 7.34 -8.69
CA CYS A 230 -3.45 6.21 -8.45
C CYS A 230 -4.73 6.63 -7.73
N GLY A 231 -4.61 7.54 -6.76
CA GLY A 231 -5.75 7.92 -5.93
C GLY A 231 -6.69 8.92 -6.55
N LEU A 232 -6.33 9.45 -7.73
CA LEU A 232 -7.12 10.52 -8.35
C LEU A 232 -8.45 10.06 -8.94
N ASN A 233 -8.51 8.82 -9.40
CA ASN A 233 -9.72 8.31 -10.05
C ASN A 233 -9.94 6.86 -9.65
N LYS A 234 -10.80 6.64 -8.66
CA LYS A 234 -11.07 5.29 -8.18
C LYS A 234 -12.57 5.13 -8.07
N PRO A 235 -13.06 3.88 -8.11
CA PRO A 235 -12.33 2.61 -8.31
C PRO A 235 -12.22 2.20 -9.77
N ASN A 236 -11.45 1.15 -10.01
CA ASN A 236 -11.34 0.52 -11.33
C ASN A 236 -10.91 1.41 -12.51
N ARG A 237 -10.06 2.38 -12.24
CA ARG A 237 -9.61 3.30 -13.29
C ARG A 237 -8.14 3.57 -13.07
N GLN A 238 -7.48 4.14 -14.08
CA GLN A 238 -6.05 4.45 -13.94
C GLN A 238 -5.76 5.86 -14.46
N THR A 239 -4.76 6.50 -13.85
CA THR A 239 -4.52 7.92 -14.11
C THR A 239 -3.08 8.15 -14.48
N LEU A 240 -2.88 8.88 -15.58
CA LEU A 240 -1.55 9.22 -16.06
C LEU A 240 -1.26 10.64 -15.59
N VAL A 241 -0.19 10.81 -14.83
CA VAL A 241 0.25 12.11 -14.36
C VAL A 241 1.56 12.41 -15.06
N SER A 242 1.54 13.33 -16.02
CA SER A 242 2.74 13.66 -16.79
C SER A 242 3.57 14.71 -16.06
N HIS A 243 4.81 14.87 -16.49
CA HIS A 243 5.65 15.89 -15.89
C HIS A 243 4.98 17.28 -15.97
N GLY A 244 4.36 17.56 -17.11
CA GLY A 244 3.74 18.86 -17.34
C GLY A 244 2.55 19.17 -16.46
N SER A 245 1.86 18.14 -16.01
CA SER A 245 0.71 18.31 -15.13
C SER A 245 1.08 18.71 -13.71
N VAL A 246 2.35 18.55 -13.35
CA VAL A 246 2.77 18.75 -11.96
C VAL A 246 2.49 20.15 -11.34
N PRO A 247 2.90 21.24 -12.04
CA PRO A 247 2.68 22.57 -11.47
C PRO A 247 1.21 22.83 -11.07
N GLN A 248 0.26 22.55 -11.96
CA GLN A 248 -1.13 22.76 -11.60
C GLN A 248 -1.63 21.75 -10.57
N LEU A 249 -1.25 20.49 -10.73
CA LEU A 249 -1.64 19.46 -9.77
C LEU A 249 -1.18 19.81 -8.35
N PHE A 250 0.07 20.27 -8.23
CA PHE A 250 0.67 20.57 -6.91
C PHE A 250 0.18 21.91 -6.36
N SER A 251 -0.33 22.76 -7.25
CA SER A 251 -0.67 24.13 -6.86
C SER A 251 -1.72 24.20 -5.76
N GLN A 252 -2.59 23.19 -5.70
CA GLN A 252 -3.64 23.08 -4.67
C GLN A 252 -3.61 21.74 -3.94
N MET A 253 -2.46 21.07 -3.99
CA MET A 253 -2.32 19.75 -3.37
C MET A 253 -1.83 19.92 -1.95
N PRO A 254 -2.68 19.57 -0.97
CA PRO A 254 -2.26 19.63 0.44
C PRO A 254 -1.00 18.80 0.63
N ILE A 255 -0.06 19.33 1.39
CA ILE A 255 1.21 18.66 1.63
C ILE A 255 1.03 17.23 2.20
N ARG A 256 0.04 17.03 3.05
CA ARG A 256 -0.16 15.75 3.69
C ARG A 256 -0.53 14.64 2.70
N LYS A 257 -0.96 14.98 1.49
CA LYS A 257 -1.35 13.97 0.49
C LYS A 257 -0.18 13.25 -0.18
N ILE A 258 1.00 13.84 -0.10
CA ILE A 258 2.20 13.29 -0.73
C ILE A 258 2.82 12.20 0.15
N ARG A 259 3.18 11.08 -0.46
CA ARG A 259 3.74 9.95 0.25
C ARG A 259 4.99 10.31 1.09
N SER A 260 4.90 10.03 2.40
CA SER A 260 5.88 10.33 3.46
C SER A 260 5.68 11.68 4.17
N LEU A 261 4.74 12.49 3.69
CA LEU A 261 4.47 13.78 4.32
C LEU A 261 3.16 13.77 5.10
N GLY A 262 2.60 12.58 5.30
CA GLY A 262 1.33 12.46 5.99
C GLY A 262 1.40 12.57 7.50
N GLY A 263 2.62 12.61 8.05
CA GLY A 263 2.82 12.61 9.49
C GLY A 263 3.59 13.83 10.01
N LYS A 264 4.50 13.60 10.95
CA LYS A 264 5.22 14.71 11.60
C LYS A 264 6.08 15.61 10.68
N LEU A 265 6.82 15.02 9.73
CA LEU A 265 7.61 15.81 8.82
C LEU A 265 6.69 16.77 8.07
N GLY A 266 5.63 16.21 7.48
CA GLY A 266 4.64 16.97 6.74
C GLY A 266 4.08 18.13 7.55
N ALA A 267 3.71 17.84 8.79
CA ALA A 267 3.20 18.86 9.70
C ALA A 267 4.25 19.93 9.99
N SER A 268 5.50 19.52 10.14
CA SER A 268 6.58 20.49 10.38
C SER A 268 6.89 21.37 9.15
N VAL A 269 6.85 20.77 7.96
CA VAL A 269 6.95 21.55 6.71
C VAL A 269 5.89 22.66 6.69
N ILE A 270 4.64 22.28 6.96
CA ILE A 270 3.53 23.22 6.94
C ILE A 270 3.71 24.34 7.97
N GLU A 271 4.07 23.97 9.19
N GLU A 271 4.05 23.96 9.18
CA GLU A 271 4.24 24.90 10.31
CA GLU A 271 4.22 24.91 10.28
C GLU A 271 5.45 25.82 10.19
C GLU A 271 5.44 25.83 10.10
N ILE A 272 6.61 25.24 9.91
CA ILE A 272 7.84 26.03 9.81
C ILE A 272 7.83 26.99 8.61
N LEU A 273 7.45 26.50 7.44
CA LEU A 273 7.48 27.32 6.24
C LEU A 273 6.24 28.19 6.06
N GLY A 274 5.16 27.88 6.78
CA GLY A 274 3.94 28.66 6.70
C GLY A 274 3.22 28.51 5.36
N ILE A 275 3.21 27.28 4.82
CA ILE A 275 2.58 26.97 3.53
C ILE A 275 1.53 25.85 3.67
N GLU A 276 0.70 25.69 2.65
CA GLU A 276 -0.35 24.67 2.67
C GLU A 276 -0.21 23.64 1.58
N TYR A 277 0.34 24.04 0.43
CA TYR A 277 0.29 23.20 -0.77
C TYR A 277 1.68 22.85 -1.26
N MET A 278 1.75 21.72 -1.96
CA MET A 278 3.03 21.18 -2.38
C MET A 278 3.81 22.16 -3.28
N GLY A 279 3.09 22.87 -4.15
CA GLY A 279 3.75 23.75 -5.12
C GLY A 279 4.49 24.90 -4.46
N GLU A 280 4.00 25.31 -3.30
CA GLU A 280 4.60 26.38 -2.53
C GLU A 280 6.05 26.07 -2.10
N LEU A 281 6.44 24.80 -2.08
CA LEU A 281 7.81 24.45 -1.72
C LEU A 281 8.85 24.97 -2.70
N THR A 282 8.41 25.28 -3.92
CA THR A 282 9.33 25.68 -4.98
C THR A 282 10.03 27.01 -4.68
N GLN A 283 9.45 27.83 -3.83
CA GLN A 283 10.02 29.16 -3.57
C GLN A 283 11.33 29.09 -2.80
N PHE A 284 11.57 27.95 -2.16
CA PHE A 284 12.71 27.82 -1.25
C PHE A 284 13.93 27.20 -1.93
N THR A 285 15.12 27.58 -1.48
CA THR A 285 16.30 26.99 -2.06
C THR A 285 16.51 25.65 -1.39
N GLU A 286 17.21 24.78 -2.07
CA GLU A 286 17.56 23.48 -1.52
C GLU A 286 18.26 23.61 -0.14
N SER A 287 19.24 24.51 -0.03
CA SER A 287 19.90 24.72 1.25
C SER A 287 18.91 25.14 2.33
N GLN A 288 17.99 26.04 1.99
CA GLN A 288 16.93 26.45 2.90
C GLN A 288 16.14 25.24 3.43
N LEU A 289 15.73 24.35 2.54
CA LEU A 289 14.99 23.17 2.97
C LEU A 289 15.89 22.22 3.76
N GLN A 290 17.13 22.07 3.33
CA GLN A 290 18.03 21.18 4.08
C GLN A 290 18.28 21.69 5.50
N SER A 291 18.28 23.01 5.67
CA SER A 291 18.56 23.58 6.98
C SER A 291 17.43 23.26 7.96
N HIS A 292 16.19 23.34 7.49
CA HIS A 292 15.04 23.09 8.36
C HIS A 292 14.80 21.60 8.60
N PHE A 293 14.97 20.79 7.56
CA PHE A 293 14.48 19.41 7.56
C PHE A 293 15.62 18.36 7.43
N GLY A 294 16.85 18.85 7.29
CA GLY A 294 17.98 17.95 7.21
C GLY A 294 18.38 17.68 5.78
N GLU A 295 19.59 17.16 5.60
CA GLU A 295 20.21 17.04 4.28
C GLU A 295 19.41 16.17 3.31
N LYS A 296 19.06 14.96 3.74
CA LYS A 296 18.27 14.02 2.90
C LYS A 296 16.85 14.55 2.64
N ASN A 297 16.13 14.88 3.71
CA ASN A 297 14.78 15.41 3.59
C ASN A 297 14.71 16.70 2.77
N GLY A 298 15.71 17.56 2.93
CA GLY A 298 15.76 18.82 2.18
C GLY A 298 15.90 18.63 0.68
N SER A 299 16.89 17.83 0.27
CA SER A 299 17.12 17.48 -1.12
C SER A 299 15.90 16.82 -1.76
N TRP A 300 15.26 15.94 -0.99
CA TRP A 300 14.12 15.19 -1.49
C TRP A 300 12.94 16.12 -1.74
N LEU A 301 12.70 17.04 -0.79
CA LEU A 301 11.61 18.00 -0.89
C LEU A 301 11.83 18.96 -2.04
N TYR A 302 13.07 19.41 -2.21
CA TYR A 302 13.44 20.32 -3.30
C TYR A 302 13.15 19.70 -4.67
N ALA A 303 13.54 18.46 -4.85
CA ALA A 303 13.25 17.80 -6.12
C ALA A 303 11.77 17.38 -6.23
N MET A 304 11.19 16.94 -5.12
CA MET A 304 9.81 16.41 -5.16
C MET A 304 8.78 17.46 -5.53
N CYS A 305 8.93 18.67 -4.99
CA CYS A 305 7.95 19.73 -5.31
C CYS A 305 8.02 20.17 -6.78
N ARG A 306 9.06 19.72 -7.49
CA ARG A 306 9.18 19.93 -8.93
C ARG A 306 8.84 18.65 -9.74
N GLY A 307 8.32 17.62 -9.07
CA GLY A 307 7.88 16.40 -9.72
C GLY A 307 8.98 15.36 -9.93
N ILE A 308 10.10 15.55 -9.24
CA ILE A 308 11.27 14.70 -9.44
C ILE A 308 11.58 13.89 -8.19
N GLU A 309 11.73 12.58 -8.38
CA GLU A 309 12.04 11.67 -7.29
C GLU A 309 12.86 10.53 -7.87
N HIS A 310 13.85 10.04 -7.13
CA HIS A 310 14.77 9.07 -7.71
C HIS A 310 14.72 7.67 -7.10
N ASP A 311 13.96 7.51 -6.01
CA ASP A 311 13.80 6.22 -5.35
C ASP A 311 13.42 5.12 -6.38
N PRO A 312 14.28 4.09 -6.50
CA PRO A 312 14.04 3.00 -7.46
C PRO A 312 12.90 2.07 -7.05
N VAL A 313 12.27 1.50 -8.06
CA VAL A 313 11.40 0.36 -7.85
C VAL A 313 12.34 -0.81 -7.58
N LYS A 314 12.25 -1.33 -6.37
CA LYS A 314 13.13 -2.42 -5.93
C LYS A 314 12.55 -3.71 -6.47
N PRO A 315 13.41 -4.58 -7.02
CA PRO A 315 12.92 -5.88 -7.46
C PRO A 315 12.71 -6.80 -6.27
N ARG A 316 11.50 -6.78 -5.73
CA ARG A 316 11.22 -7.58 -4.53
C ARG A 316 9.75 -7.89 -4.47
N GLN A 317 9.39 -9.14 -4.70
CA GLN A 317 8.00 -9.55 -4.68
C GLN A 317 7.61 -10.14 -3.33
N LEU A 318 8.61 -10.45 -2.53
CA LEU A 318 8.41 -11.17 -1.28
C LEU A 318 8.71 -10.27 -0.09
N PRO A 319 7.84 -10.32 0.94
CA PRO A 319 8.10 -9.54 2.16
C PRO A 319 9.49 -9.83 2.75
N LYS A 320 10.10 -8.84 3.41
CA LYS A 320 11.42 -9.00 4.00
C LYS A 320 11.35 -9.62 5.39
N THR A 321 10.17 -9.58 5.99
CA THR A 321 9.98 -10.09 7.35
C THR A 321 8.65 -10.84 7.40
N ILE A 322 8.52 -11.76 8.34
CA ILE A 322 7.26 -12.49 8.54
C ILE A 322 6.87 -12.43 10.02
N GLY A 323 5.76 -11.78 10.31
CA GLY A 323 5.44 -11.46 11.68
C GLY A 323 3.98 -11.61 12.03
N CYS A 324 3.72 -11.65 13.33
CA CYS A 324 2.34 -11.70 13.80
C CYS A 324 2.30 -11.21 15.22
N SER A 325 1.16 -10.65 15.60
CA SER A 325 1.07 -9.96 16.87
C SER A 325 -0.37 -9.94 17.33
N LYS A 326 -0.54 -9.66 18.62
CA LYS A 326 -1.87 -9.50 19.16
C LYS A 326 -1.84 -8.44 20.23
N ASN A 327 -2.84 -7.58 20.22
CA ASN A 327 -2.99 -6.58 21.26
C ASN A 327 -3.85 -7.10 22.40
N PHE A 328 -3.57 -6.64 23.61
CA PHE A 328 -4.35 -7.02 24.78
C PHE A 328 -4.67 -5.78 25.59
N PRO A 329 -5.63 -4.97 25.11
CA PRO A 329 -5.95 -3.67 25.71
C PRO A 329 -6.77 -3.78 27.01
N GLY A 330 -6.63 -2.78 27.86
CA GLY A 330 -7.46 -2.63 29.05
C GLY A 330 -7.36 -3.78 30.04
N LYS A 331 -8.53 -4.32 30.38
CA LYS A 331 -8.63 -5.45 31.30
C LYS A 331 -7.91 -6.67 30.78
N THR A 332 -7.87 -6.81 29.46
CA THR A 332 -7.33 -8.02 28.85
C THR A 332 -5.81 -8.15 28.96
N ALA A 333 -5.13 -7.05 29.29
CA ALA A 333 -3.67 -7.05 29.44
C ALA A 333 -3.18 -8.20 30.30
N LEU A 334 -2.15 -8.89 29.84
CA LEU A 334 -1.73 -10.15 30.47
C LEU A 334 -0.99 -9.93 31.79
N ALA A 335 -1.36 -10.69 32.82
CA ALA A 335 -0.89 -10.42 34.16
C ALA A 335 -0.25 -11.64 34.80
N THR A 336 -0.24 -12.75 34.07
CA THR A 336 0.41 -13.96 34.58
C THR A 336 1.46 -14.50 33.63
N ARG A 337 2.45 -15.17 34.21
CA ARG A 337 3.53 -15.79 33.48
C ARG A 337 2.94 -16.85 32.55
N GLU A 338 1.96 -17.60 33.06
CA GLU A 338 1.34 -18.68 32.30
C GLU A 338 0.63 -18.15 31.06
N GLN A 339 -0.01 -16.99 31.23
CA GLN A 339 -0.75 -16.31 30.17
C GLN A 339 0.18 -15.84 29.05
N VAL A 340 1.25 -15.16 29.44
CA VAL A 340 2.22 -14.65 28.48
C VAL A 340 2.80 -15.78 27.66
N GLN A 341 3.14 -16.87 28.33
CA GLN A 341 3.75 -18.02 27.66
C GLN A 341 2.76 -18.61 26.69
N TRP A 342 1.49 -18.68 27.09
CA TRP A 342 0.50 -19.31 26.24
C TRP A 342 0.26 -18.50 24.96
N TRP A 343 0.20 -17.19 25.09
CA TRP A 343 0.03 -16.38 23.89
C TRP A 343 1.25 -16.39 22.99
N LEU A 344 2.44 -16.42 23.59
CA LEU A 344 3.67 -16.54 22.83
C LEU A 344 3.65 -17.81 22.03
N LEU A 345 3.21 -18.90 22.65
CA LEU A 345 3.05 -20.16 21.94
C LEU A 345 2.04 -20.06 20.77
N GLN A 346 0.92 -19.38 20.99
CA GLN A 346 -0.07 -19.20 19.93
C GLN A 346 0.54 -18.42 18.76
N LEU A 347 1.21 -17.32 19.10
CA LEU A 347 1.96 -16.54 18.12
C LEU A 347 3.03 -17.36 17.40
N ALA A 348 3.83 -18.08 18.18
CA ALA A 348 4.89 -18.92 17.61
C ALA A 348 4.36 -19.98 16.66
N GLN A 349 3.18 -20.53 16.96
CA GLN A 349 2.58 -21.58 16.12
C GLN A 349 2.10 -21.06 14.78
N GLU A 350 1.53 -19.86 14.75
CA GLU A 350 1.13 -19.30 13.48
C GLU A 350 2.41 -19.07 12.69
N LEU A 351 3.42 -18.55 13.39
CA LEU A 351 4.64 -18.16 12.74
C LEU A 351 5.35 -19.36 12.11
N GLU A 352 5.39 -20.48 12.83
CA GLU A 352 5.94 -21.73 12.32
C GLU A 352 5.31 -22.18 11.01
N GLU A 353 3.99 -22.19 10.95
CA GLU A 353 3.27 -22.56 9.72
C GLU A 353 3.61 -21.64 8.55
N ARG A 354 3.56 -20.34 8.79
CA ARG A 354 3.90 -19.34 7.76
C ARG A 354 5.35 -19.47 7.29
N LEU A 355 6.28 -19.65 8.23
CA LEU A 355 7.69 -19.83 7.89
C LEU A 355 7.98 -21.10 7.07
N THR A 356 7.32 -22.20 7.42
CA THR A 356 7.51 -23.46 6.72
C THR A 356 6.95 -23.35 5.33
N LYS A 357 5.81 -22.67 5.20
CA LYS A 357 5.23 -22.41 3.89
C LYS A 357 6.22 -21.57 3.11
N ASP A 358 6.78 -20.56 3.77
CA ASP A 358 7.71 -19.65 3.09
C ASP A 358 8.91 -20.41 2.55
N ARG A 359 9.49 -21.26 3.39
CA ARG A 359 10.69 -22.02 3.04
C ARG A 359 10.46 -23.00 1.87
N ASN A 360 9.30 -23.66 1.84
CA ASN A 360 8.95 -24.52 0.71
C ASN A 360 8.68 -23.75 -0.59
N ASP A 361 8.01 -22.61 -0.46
CA ASP A 361 7.61 -21.81 -1.62
C ASP A 361 8.77 -21.01 -2.18
N ASN A 362 9.56 -20.42 -1.30
CA ASN A 362 10.47 -19.35 -1.71
C ASN A 362 11.93 -19.62 -1.44
N ASP A 363 12.24 -20.84 -1.02
CA ASP A 363 13.62 -21.29 -0.92
C ASP A 363 14.49 -20.38 -0.09
N ARG A 364 14.02 -20.01 1.09
CA ARG A 364 14.81 -19.18 1.98
C ARG A 364 14.49 -19.60 3.41
N VAL A 365 15.37 -19.24 4.34
CA VAL A 365 15.14 -19.49 5.76
C VAL A 365 15.41 -18.24 6.57
N ALA A 366 14.53 -17.94 7.52
CA ALA A 366 14.75 -16.84 8.46
C ALA A 366 15.79 -17.24 9.49
N THR A 367 16.62 -16.30 9.90
CA THR A 367 17.72 -16.60 10.79
C THR A 367 17.62 -15.83 12.10
N GLN A 368 16.73 -14.85 12.16
CA GLN A 368 16.59 -14.04 13.38
C GLN A 368 15.15 -13.96 13.89
N LEU A 369 15.00 -13.95 15.21
CA LEU A 369 13.68 -13.83 15.83
C LEU A 369 13.58 -12.59 16.70
N VAL A 370 12.73 -11.66 16.29
CA VAL A 370 12.52 -10.44 17.04
C VAL A 370 11.27 -10.53 17.91
N VAL A 371 11.45 -10.29 19.20
N VAL A 371 11.45 -10.30 19.20
CA VAL A 371 10.34 -10.26 20.11
CA VAL A 371 10.35 -10.27 20.16
C VAL A 371 10.06 -8.81 20.50
C VAL A 371 10.05 -8.82 20.53
N SER A 372 8.80 -8.41 20.42
CA SER A 372 8.39 -7.05 20.78
C SER A 372 7.13 -7.06 21.62
N ILE A 373 7.16 -6.29 22.69
CA ILE A 373 6.03 -6.20 23.59
C ILE A 373 5.70 -4.72 23.80
N ARG A 374 4.48 -4.46 24.27
CA ARG A 374 4.13 -3.14 24.75
C ARG A 374 3.66 -3.27 26.17
N VAL A 375 4.29 -2.51 27.04
CA VAL A 375 3.97 -2.51 28.46
C VAL A 375 2.73 -1.64 28.66
N GLN A 376 1.97 -1.92 29.70
CA GLN A 376 0.73 -1.18 29.94
C GLN A 376 1.00 0.29 30.23
N GLY A 377 0.23 1.17 29.59
CA GLY A 377 0.38 2.59 29.77
C GLY A 377 1.35 3.27 28.82
N ASP A 378 1.86 2.52 27.84
CA ASP A 378 2.77 3.07 26.84
C ASP A 378 2.08 3.23 25.50
N LYS A 379 2.19 4.42 24.91
CA LYS A 379 1.46 4.77 23.69
C LYS A 379 2.07 4.20 22.40
N ARG A 380 3.40 4.08 22.39
CA ARG A 380 4.15 3.59 21.22
C ARG A 380 3.75 2.16 20.83
N LEU A 381 3.82 1.84 19.54
CA LEU A 381 3.53 0.49 19.06
C LEU A 381 4.31 -0.53 19.86
N SER A 382 5.60 -0.25 20.05
CA SER A 382 6.47 -1.15 20.78
C SER A 382 7.08 -0.43 21.97
N SER A 383 6.98 -1.07 23.15
CA SER A 383 7.69 -0.59 24.34
C SER A 383 9.13 -1.06 24.28
N LEU A 384 9.36 -2.23 23.69
CA LEU A 384 10.68 -2.85 23.70
C LEU A 384 10.85 -3.85 22.55
N ARG A 385 12.09 -3.99 22.07
CA ARG A 385 12.43 -5.01 21.09
C ARG A 385 13.68 -5.78 21.55
N ARG A 386 13.58 -7.10 21.54
CA ARG A 386 14.71 -7.98 21.81
C ARG A 386 14.81 -9.05 20.73
N CYS A 387 16.03 -9.48 20.44
N CYS A 387 16.02 -9.44 20.37
CA CYS A 387 16.28 -10.40 19.33
CA CYS A 387 16.17 -10.44 19.33
C CYS A 387 17.02 -11.66 19.79
C CYS A 387 16.95 -11.67 19.83
N CYS A 388 16.78 -12.78 19.12
CA CYS A 388 17.52 -14.00 19.40
C CYS A 388 17.63 -14.81 18.12
N ALA A 389 18.47 -15.85 18.12
CA ALA A 389 18.72 -16.60 16.90
C ALA A 389 17.51 -17.46 16.58
N LEU A 390 17.15 -17.50 15.30
CA LEU A 390 16.09 -18.40 14.88
C LEU A 390 16.81 -19.53 14.16
N THR A 391 17.01 -20.63 14.89
CA THR A 391 17.80 -21.75 14.39
C THR A 391 16.94 -22.94 13.95
N ARG A 392 15.71 -23.02 14.44
CA ARG A 392 14.79 -24.08 14.01
C ARG A 392 13.36 -23.57 13.90
N TYR A 393 12.63 -24.04 12.89
CA TYR A 393 11.23 -23.69 12.76
C TYR A 393 10.40 -24.54 13.71
N ASP A 394 10.57 -24.32 15.01
CA ASP A 394 9.80 -25.06 16.00
C ASP A 394 9.07 -24.10 16.92
N ALA A 395 7.73 -24.19 16.94
CA ALA A 395 6.93 -23.24 17.69
C ALA A 395 7.27 -23.24 19.18
N HIS A 396 7.46 -24.43 19.74
CA HIS A 396 7.82 -24.57 21.15
C HIS A 396 9.17 -23.94 21.48
N LYS A 397 10.16 -24.16 20.62
CA LYS A 397 11.46 -23.50 20.79
C LYS A 397 11.33 -22.00 20.66
N MET A 398 10.72 -21.56 19.56
CA MET A 398 10.55 -20.13 19.32
C MET A 398 9.81 -19.43 20.48
N SER A 399 8.73 -20.02 20.98
CA SER A 399 8.04 -19.39 22.10
C SER A 399 8.87 -19.44 23.39
N HIS A 400 9.57 -20.56 23.60
CA HIS A 400 10.45 -20.69 24.76
C HIS A 400 11.59 -19.65 24.71
N ASP A 401 12.25 -19.52 23.57
CA ASP A 401 13.29 -18.50 23.41
C ASP A 401 12.73 -17.09 23.59
N ALA A 402 11.57 -16.83 23.01
CA ALA A 402 10.93 -15.51 23.06
C ALA A 402 10.68 -15.10 24.50
N PHE A 403 10.26 -16.07 25.29
CA PHE A 403 10.00 -15.80 26.68
C PHE A 403 11.30 -15.49 27.40
N THR A 404 12.33 -16.26 27.09
CA THR A 404 13.64 -16.11 27.75
C THR A 404 14.20 -14.68 27.65
N VAL A 405 14.13 -14.10 26.47
CA VAL A 405 14.68 -12.76 26.28
C VAL A 405 13.84 -11.63 26.89
N ILE A 406 12.56 -11.87 27.15
CA ILE A 406 11.73 -10.83 27.77
C ILE A 406 11.37 -11.05 29.25
N LYS A 407 11.70 -12.22 29.78
CA LYS A 407 11.30 -12.53 31.15
C LYS A 407 11.86 -11.56 32.18
N ASN A 408 13.00 -10.94 31.87
CA ASN A 408 13.61 -9.95 32.76
C ASN A 408 12.78 -8.69 32.90
N CYS A 409 11.91 -8.42 31.91
CA CYS A 409 11.10 -7.21 31.89
C CYS A 409 10.18 -7.14 33.10
N ASN A 410 9.76 -8.32 33.55
CA ASN A 410 8.85 -8.45 34.66
C ASN A 410 9.34 -7.86 35.98
N THR A 411 8.52 -6.98 36.55
CA THR A 411 8.86 -6.24 37.76
C THR A 411 8.40 -6.96 39.03
N SER A 412 7.37 -7.79 38.91
CA SER A 412 6.80 -8.51 40.06
C SER A 412 7.80 -9.41 40.79
N GLY A 413 7.83 -9.26 42.12
CA GLY A 413 8.64 -10.13 42.96
C GLY A 413 8.16 -11.57 42.87
N ILE A 414 6.84 -11.75 42.82
CA ILE A 414 6.24 -13.07 42.70
C ILE A 414 6.52 -13.62 41.30
N GLN A 415 6.76 -14.92 41.22
CA GLN A 415 7.14 -15.53 39.95
C GLN A 415 5.96 -15.59 38.98
N THR A 416 4.78 -15.91 39.52
CA THR A 416 3.58 -16.12 38.70
C THR A 416 3.05 -14.86 38.04
N GLU A 417 2.92 -13.79 38.82
CA GLU A 417 2.37 -12.54 38.29
C GLU A 417 3.33 -11.82 37.34
N TRP A 418 2.77 -11.00 36.46
CA TRP A 418 3.56 -10.22 35.53
C TRP A 418 3.27 -8.74 35.69
N SER A 419 4.32 -7.96 35.92
CA SER A 419 4.17 -6.52 36.04
C SER A 419 5.30 -5.77 35.32
N PRO A 420 4.94 -4.68 34.61
CA PRO A 420 3.55 -4.29 34.37
C PRO A 420 2.91 -5.19 33.30
N PRO A 421 1.58 -5.36 33.35
CA PRO A 421 0.85 -6.22 32.41
C PRO A 421 1.06 -5.82 30.95
N LEU A 422 0.96 -6.79 30.06
CA LEU A 422 1.36 -6.57 28.67
C LEU A 422 0.21 -6.10 27.78
N THR A 423 0.42 -5.01 27.07
CA THR A 423 -0.57 -4.49 26.15
C THR A 423 -0.52 -5.23 24.82
N MET A 424 0.64 -5.80 24.49
N MET A 424 0.64 -5.80 24.49
CA MET A 424 0.79 -6.50 23.22
CA MET A 424 0.86 -6.41 23.18
C MET A 424 1.92 -7.51 23.25
C MET A 424 1.97 -7.47 23.21
N LEU A 425 1.87 -8.45 22.30
CA LEU A 425 2.94 -9.39 22.05
C LEU A 425 3.14 -9.42 20.55
N PHE A 426 4.40 -9.51 20.12
CA PHE A 426 4.72 -9.45 18.71
C PHE A 426 5.92 -10.35 18.46
N LEU A 427 5.80 -11.24 17.49
CA LEU A 427 6.93 -12.03 17.04
C LEU A 427 7.16 -11.73 15.57
N CYS A 428 8.41 -11.46 15.19
CA CYS A 428 8.73 -11.24 13.79
C CYS A 428 9.94 -12.09 13.39
N ALA A 429 9.83 -12.79 12.25
CA ALA A 429 10.98 -13.50 11.70
C ALA A 429 11.63 -12.63 10.61
N THR A 430 12.95 -12.51 10.66
CA THR A 430 13.70 -11.57 9.80
C THR A 430 15.06 -12.15 9.45
N LYS A 431 15.83 -11.40 8.66
CA LYS A 431 17.15 -11.80 8.22
C LYS A 431 17.10 -13.15 7.50
N PHE A 432 16.40 -13.17 6.37
CA PHE A 432 16.27 -14.35 5.51
C PHE A 432 17.54 -14.60 4.70
N SER A 433 17.84 -15.88 4.46
CA SER A 433 18.98 -16.27 3.62
C SER A 433 18.56 -17.37 2.68
N ALA A 434 19.22 -17.47 1.54
CA ALA A 434 18.90 -18.49 0.53
C ALA A 434 18.91 -19.90 1.11
N SER A 435 17.89 -20.69 0.76
CA SER A 435 17.77 -22.08 1.18
C SER A 435 17.88 -23.04 0.01
C1 GOL D . 2.19 26.60 -7.57
O1 GOL D . 2.66 26.52 -6.25
C2 GOL D . 2.76 25.45 -8.42
O2 GOL D . 2.31 24.20 -7.91
C3 GOL D . 4.28 25.54 -8.44
O3 GOL D . 4.81 24.85 -9.56
C1 GOL E . -6.12 -18.56 -3.29
O1 GOL E . -5.60 -17.25 -3.27
C2 GOL E . -5.23 -19.37 -4.24
O2 GOL E . -4.00 -19.70 -3.62
C3 GOL E . -5.95 -20.64 -4.69
O3 GOL E . -5.25 -21.17 -5.79
MG MG F . -4.15 0.50 -1.03
#